data_3UO7
#
_entry.id   3UO7
#
_cell.length_a   164.352
_cell.length_b   164.352
_cell.length_c   57.569
_cell.angle_alpha   90.00
_cell.angle_beta   90.00
_cell.angle_gamma   120.00
#
_symmetry.space_group_name_H-M   'P 65'
#
loop_
_entity.id
_entity.type
_entity.pdbx_description
1 polymer "5'-D(*CP*AP*GP*CP*TP*CP*TP*GP*TP*AP*CP*AP*TP*GP*AP*GP*CP*AP*GP*TP*GP*GP*A)-3'"
2 polymer "5'-D(*CP*CP*AP*CP*TP*GP*CP*TP*CP*AP*(1CC)P*GP*TP*AP*CP*AP*GP*AP*GP*CP*TP*GP*T)-3'"
3 polymer 'G/T mismatch-specific thymine DNA glycosylase'
#
loop_
_entity_poly.entity_id
_entity_poly.type
_entity_poly.pdbx_seq_one_letter_code
_entity_poly.pdbx_strand_id
1 'polydeoxyribonucleotide'
;(DC)(DA)(DG)(DC)(DT)(DC)(DT)(DG)(DT)(DA)(DC)(DA)(DT)(DG)(DA)(DG)(DC)(DA)(DG)(DT)
(DG)(DG)(DA)
;
C
2 'polydeoxyribonucleotide'
;(DC)(DC)(DA)(DC)(DT)(DG)(DC)(DT)(DC)(DA)(1CC)(DG)(DT)(DA)(DC)(DA)(DG)(DA)(DG)
(DC)(DT)(DG)(DT)
;
D
3 'polypeptide(L)'
;SNAFNGVSEAELLTKTLPDILTFNLDIVIIGIAPGLMAAYKGHHYPGPGNHFWKCLFMSGLSEVQLNHMDDHTLPGKYGI
GFTNMVERTTPGSKDLSSKEFREGGRILVQKLQKYQPRIAVFNGKCIYEIFSKEVFGVKVKNLEFGLQPHKIPDTETLCY
VMPSSSARCAQFPRAQDKVHYYIKLKDLRDQLKGIERNMDV
;
A,B
#
loop_
_chem_comp.id
_chem_comp.type
_chem_comp.name
_chem_comp.formula
1CC DNA linking '5-carboxy-2'-deoxycytidine monophosphate' 'C10 H14 N3 O9 P'
DA DNA linking 2'-DEOXYADENOSINE-5'-MONOPHOSPHATE 'C10 H14 N5 O6 P'
DC DNA linking 2'-DEOXYCYTIDINE-5'-MONOPHOSPHATE 'C9 H14 N3 O7 P'
DG DNA linking 2'-DEOXYGUANOSINE-5'-MONOPHOSPHATE 'C10 H14 N5 O7 P'
DT DNA linking THYMIDINE-5'-MONOPHOSPHATE 'C10 H15 N2 O8 P'
#
# COMPACT_ATOMS: atom_id res chain seq x y z
P 1CC B 11 4.27 4.89 3.88
OP1 1CC B 11 5.46 6.01 3.67
OP2 1CC B 11 3.70 4.27 2.48
O5' 1CC B 11 4.44 3.77 5.14
C5' 1CC B 11 5.46 2.78 5.11
C4' 1CC B 11 5.56 2.13 6.49
C3' 1CC B 11 5.69 3.22 7.53
C2' 1CC B 11 7.17 3.56 7.47
C1' 1CC B 11 7.79 2.23 7.08
O4' 1CC B 11 6.76 1.38 6.59
N1 1CC B 11 8.87 2.33 6.09
C6 1CC B 11 8.68 2.65 4.80
C5 1CC B 11 9.76 2.68 3.91
C4 1CC B 11 11.02 2.37 4.37
N4 1CC B 11 12.11 2.38 3.57
N3 1CC B 11 11.20 2.05 5.67
C2 1CC B 11 10.16 2.02 6.54
O2 1CC B 11 10.32 1.71 7.76
C21 1CC B 11 9.51 3.07 2.48
O22 1CC B 11 10.43 2.94 1.62
O23 1CC B 11 8.38 3.56 2.19
O3' 1CC B 11 5.31 2.65 8.79
N THR C 16 13.92 -9.03 -1.06
CA THR C 16 12.55 -8.59 -1.08
C THR C 16 12.57 -7.12 -1.39
N LEU C 17 12.94 -6.27 -0.41
CA LEU C 17 13.42 -4.92 -0.77
C LEU C 17 14.89 -4.74 -0.47
N PRO C 18 15.74 -4.72 -1.44
CA PRO C 18 17.16 -4.85 -1.34
C PRO C 18 17.77 -3.68 -0.59
N ASP C 19 18.84 -3.91 0.15
CA ASP C 19 19.45 -2.84 0.85
C ASP C 19 20.28 -2.09 -0.13
N ILE C 20 20.68 -0.91 0.21
CA ILE C 20 21.42 -0.07 -0.69
C ILE C 20 22.70 0.34 0.02
N LEU C 21 23.38 -0.64 0.64
CA LEU C 21 24.54 -0.49 1.51
C LEU C 21 25.89 -0.84 0.85
N THR C 22 26.92 0.01 1.07
CA THR C 22 28.32 -0.19 0.65
C THR C 22 29.25 0.31 1.76
N PHE C 23 30.58 0.23 1.58
CA PHE C 23 31.54 0.58 2.65
C PHE C 23 31.88 2.06 2.66
N ASN C 24 32.48 2.51 3.76
CA ASN C 24 32.96 3.88 3.87
C ASN C 24 31.87 4.90 3.76
N LEU C 25 30.75 4.56 4.32
CA LEU C 25 29.61 5.40 4.22
C LEU C 25 29.53 6.29 5.43
N ASP C 26 29.29 7.55 5.20
CA ASP C 26 29.00 8.40 6.28
C ASP C 26 27.80 7.88 7.05
N ILE C 27 26.68 7.71 6.39
CA ILE C 27 25.40 7.57 7.05
C ILE C 27 24.63 6.40 6.51
N VAL C 28 24.12 5.53 7.36
CA VAL C 28 23.18 4.49 6.96
C VAL C 28 21.79 4.76 7.58
N ILE C 29 20.67 4.68 6.82
CA ILE C 29 19.37 5.05 7.33
C ILE C 29 18.60 3.81 7.52
N ILE C 30 18.15 3.55 8.74
CA ILE C 30 17.52 2.31 9.07
C ILE C 30 16.03 2.44 9.28
N GLY C 31 15.28 1.81 8.43
CA GLY C 31 13.88 1.81 8.43
C GLY C 31 13.26 0.66 9.03
N ILE C 32 12.25 0.90 9.80
CA ILE C 32 11.40 -0.12 10.35
C ILE C 32 10.97 -1.43 9.73
N ALA C 33 10.20 -1.38 8.65
CA ALA C 33 10.00 -2.46 7.72
C ALA C 33 9.55 -1.82 6.43
N PRO C 34 9.84 -2.23 5.23
CA PRO C 34 9.37 -1.58 4.04
C PRO C 34 7.86 -1.60 3.87
N GLY C 35 7.25 -0.44 3.59
CA GLY C 35 5.83 -0.35 3.39
C GLY C 35 5.40 -0.92 2.12
N LEU C 36 4.11 -1.03 1.86
CA LEU C 36 3.68 -1.62 0.59
C LEU C 36 4.00 -0.82 -0.65
N MET C 37 3.96 0.47 -0.57
CA MET C 37 4.35 1.27 -1.70
C MET C 37 5.76 1.06 -2.00
N ALA C 38 6.56 1.02 -0.96
CA ALA C 38 7.97 0.81 -1.11
C ALA C 38 8.22 -0.51 -1.81
N ALA C 39 7.54 -1.54 -1.42
CA ALA C 39 7.70 -2.77 -2.12
C ALA C 39 7.29 -2.67 -3.57
N TYR C 40 6.09 -2.20 -3.86
CA TYR C 40 5.63 -2.03 -5.22
C TYR C 40 6.59 -1.29 -6.13
N LYS C 41 7.22 -0.25 -5.66
CA LYS C 41 8.10 0.49 -6.51
C LYS C 41 9.54 -0.02 -6.44
N GLY C 42 9.88 -0.77 -5.41
CA GLY C 42 11.21 -1.26 -5.23
C GLY C 42 12.26 -0.17 -5.08
N HIS C 43 11.88 0.93 -4.41
CA HIS C 43 12.72 2.08 -4.17
C HIS C 43 12.46 2.62 -2.80
N HIS C 44 13.45 3.25 -2.17
CA HIS C 44 13.34 3.65 -0.78
C HIS C 44 12.57 4.92 -0.59
N TYR C 45 11.63 4.90 0.36
CA TYR C 45 10.84 6.06 0.71
C TYR C 45 10.16 6.86 -0.39
N PRO C 46 9.34 6.18 -1.18
CA PRO C 46 8.72 6.78 -2.37
C PRO C 46 7.37 7.44 -2.20
N GLY C 47 6.96 7.65 -0.95
CA GLY C 47 5.60 7.93 -0.57
C GLY C 47 5.00 9.13 -1.30
N PRO C 48 5.38 10.41 -1.62
CA PRO C 48 5.18 11.28 -0.45
C PRO C 48 3.67 11.21 -0.14
N GLY C 49 3.27 11.17 1.19
CA GLY C 49 4.02 11.79 2.26
C GLY C 49 4.95 10.87 3.01
N ASN C 50 6.17 10.76 2.48
CA ASN C 50 7.33 10.31 3.22
C ASN C 50 8.33 11.46 3.31
N HIS C 51 8.48 12.03 4.50
CA HIS C 51 9.20 13.23 4.69
C HIS C 51 10.65 13.08 4.36
N PHE C 52 11.12 11.87 4.10
CA PHE C 52 12.53 11.64 3.94
C PHE C 52 13.20 12.51 2.93
N TRP C 53 12.75 12.44 1.72
CA TRP C 53 13.43 13.07 0.63
C TRP C 53 13.43 14.58 0.71
N LYS C 54 12.33 15.13 1.24
CA LYS C 54 12.26 16.55 1.49
C LYS C 54 13.24 16.96 2.56
N CYS C 55 13.33 16.20 3.62
CA CYS C 55 14.25 16.52 4.65
C CYS C 55 15.67 16.44 4.21
N LEU C 56 15.97 15.45 3.44
CA LEU C 56 17.28 15.28 2.88
C LEU C 56 17.72 16.51 2.13
N PHE C 57 16.84 17.06 1.31
CA PHE C 57 17.18 18.26 0.62
C PHE C 57 17.28 19.45 1.55
N MET C 58 16.25 19.64 2.38
CA MET C 58 16.15 20.81 3.25
C MET C 58 17.32 20.95 4.19
N SER C 59 17.78 19.82 4.72
CA SER C 59 18.88 19.79 5.63
C SER C 59 20.19 20.09 4.96
N GLY C 60 20.23 19.84 3.67
CA GLY C 60 21.38 20.17 2.90
C GLY C 60 22.26 19.03 2.74
N LEU C 61 21.79 17.91 3.24
CA LEU C 61 22.45 16.67 3.01
C LEU C 61 22.54 16.39 1.53
N SER C 62 21.44 16.72 0.86
CA SER C 62 21.36 16.80 -0.58
C SER C 62 21.19 18.24 -0.99
N GLU C 63 21.86 18.70 -2.02
CA GLU C 63 21.56 20.03 -2.54
C GLU C 63 20.41 20.13 -3.56
N VAL C 64 19.81 19.02 -3.95
CA VAL C 64 18.73 19.06 -4.92
C VAL C 64 17.53 18.32 -4.38
N GLN C 65 16.43 18.34 -5.08
CA GLN C 65 15.29 17.58 -4.64
C GLN C 65 15.28 16.23 -5.26
N LEU C 66 15.21 15.21 -4.45
CA LEU C 66 15.40 13.89 -4.93
C LEU C 66 14.27 12.97 -4.62
N ASN C 67 13.48 12.57 -5.58
CA ASN C 67 12.58 11.46 -5.30
C ASN C 67 13.33 10.15 -5.08
N HIS C 68 12.56 9.11 -4.87
CA HIS C 68 12.99 7.78 -4.51
C HIS C 68 13.86 7.16 -5.51
N MET C 69 13.64 7.53 -6.71
CA MET C 69 14.24 6.90 -7.83
C MET C 69 15.73 7.16 -7.85
N ASP C 70 16.11 8.22 -7.17
CA ASP C 70 17.49 8.59 -7.03
C ASP C 70 18.18 7.80 -5.93
N ASP C 71 17.52 6.80 -5.37
CA ASP C 71 18.04 6.22 -4.15
C ASP C 71 19.33 5.50 -4.30
N HIS C 72 19.55 4.82 -5.38
CA HIS C 72 20.80 4.10 -5.52
C HIS C 72 21.96 4.99 -5.92
N THR C 73 21.78 6.30 -5.87
CA THR C 73 22.85 7.18 -6.23
C THR C 73 23.32 7.90 -5.04
N LEU C 74 22.85 7.46 -3.90
CA LEU C 74 23.15 8.12 -2.69
C LEU C 74 24.39 7.57 -2.10
N PRO C 75 24.67 6.33 -1.76
CA PRO C 75 26.05 5.97 -1.49
C PRO C 75 26.90 6.34 -2.65
N GLY C 76 28.09 6.77 -2.44
CA GLY C 76 28.87 7.05 -3.57
C GLY C 76 28.76 8.43 -4.03
N LYS C 77 27.63 9.10 -3.99
CA LYS C 77 27.69 10.53 -4.14
C LYS C 77 27.60 11.23 -2.81
N TYR C 78 26.68 10.77 -1.98
CA TYR C 78 26.29 11.49 -0.80
C TYR C 78 26.73 10.81 0.46
N GLY C 79 27.14 9.58 0.39
CA GLY C 79 27.56 8.92 1.57
C GLY C 79 26.50 8.32 2.35
N ILE C 80 25.31 8.16 1.80
CA ILE C 80 24.16 7.69 2.56
C ILE C 80 23.64 6.41 1.96
N GLY C 81 23.44 5.40 2.77
CA GLY C 81 23.00 4.10 2.41
C GLY C 81 21.70 3.77 3.03
N PHE C 82 20.89 2.86 2.48
CA PHE C 82 19.62 2.47 3.05
C PHE C 82 19.63 1.04 3.53
N THR C 83 19.07 0.76 4.68
CA THR C 83 18.73 -0.58 5.05
C THR C 83 17.49 -0.52 5.95
N ASN C 84 16.93 -1.68 6.26
CA ASN C 84 15.76 -1.77 7.14
C ASN C 84 16.00 -2.78 8.25
N MET C 85 15.33 -2.58 9.38
CA MET C 85 15.48 -3.44 10.51
C MET C 85 14.73 -4.71 10.33
N VAL C 86 13.65 -4.67 9.57
CA VAL C 86 12.95 -5.85 9.16
C VAL C 86 12.81 -5.86 7.64
N GLU C 87 13.43 -6.82 6.98
CA GLU C 87 13.53 -6.86 5.54
C GLU C 87 12.19 -7.02 4.82
N ARG C 88 11.32 -7.82 5.49
CA ARG C 88 10.09 -8.30 4.90
C ARG C 88 9.08 -7.20 4.81
N THR C 89 8.32 -7.17 3.74
CA THR C 89 7.27 -6.19 3.52
C THR C 89 6.16 -6.25 4.54
N THR C 90 5.69 -5.08 4.99
CA THR C 90 4.49 -4.98 5.85
C THR C 90 3.89 -3.64 5.66
N PRO C 91 2.58 -3.48 5.87
CA PRO C 91 1.83 -2.30 5.68
C PRO C 91 2.44 -0.93 6.10
N GLY C 92 3.12 -0.76 7.25
CA GLY C 92 3.17 -1.64 8.39
C GLY C 92 2.46 -1.05 9.51
N SER C 93 2.97 -0.75 10.71
CA SER C 93 4.21 -1.19 11.32
C SER C 93 3.83 -1.80 12.64
N LYS C 94 2.56 -2.06 12.75
CA LYS C 94 1.93 -2.37 13.96
C LYS C 94 1.76 -3.87 13.96
N ASP C 95 2.07 -4.44 12.80
CA ASP C 95 1.84 -5.82 12.46
C ASP C 95 3.09 -6.66 12.49
N LEU C 96 4.19 -6.13 12.99
CA LEU C 96 5.41 -6.90 13.09
C LEU C 96 5.56 -7.58 14.46
N SER C 97 5.75 -8.90 14.50
CA SER C 97 5.88 -9.57 15.79
C SER C 97 7.02 -9.02 16.58
N SER C 98 6.95 -9.15 17.90
CA SER C 98 8.01 -8.72 18.76
C SER C 98 9.22 -9.55 18.49
N LYS C 99 8.98 -10.82 18.28
CA LYS C 99 10.01 -11.72 17.83
C LYS C 99 10.60 -11.26 16.53
N GLU C 100 9.76 -10.79 15.63
CA GLU C 100 10.22 -10.35 14.36
C GLU C 100 11.28 -9.32 14.49
N PHE C 101 11.00 -8.30 15.28
CA PHE C 101 11.96 -7.25 15.49
C PHE C 101 13.29 -7.73 16.00
N ARG C 102 13.27 -8.48 17.09
CA ARG C 102 14.52 -8.81 17.68
C ARG C 102 15.26 -9.81 16.87
N GLU C 103 14.55 -10.66 16.18
CA GLU C 103 15.18 -11.43 15.14
C GLU C 103 15.90 -10.58 14.09
N GLY C 104 15.29 -9.50 13.64
CA GLY C 104 15.94 -8.63 12.69
C GLY C 104 17.02 -7.77 13.24
N GLY C 105 17.06 -7.64 14.55
CA GLY C 105 18.12 -6.86 15.12
C GLY C 105 19.43 -7.48 14.93
N ARG C 106 19.37 -8.79 14.98
CA ARG C 106 20.52 -9.62 14.81
C ARG C 106 21.18 -9.37 13.49
N ILE C 107 20.41 -9.44 12.41
CA ILE C 107 21.04 -9.39 11.12
C ILE C 107 21.47 -8.01 10.78
N LEU C 108 20.75 -7.03 11.31
CA LEU C 108 21.10 -5.63 11.17
C LEU C 108 22.49 -5.34 11.66
N VAL C 109 22.78 -5.81 12.84
CA VAL C 109 24.07 -5.63 13.42
C VAL C 109 25.14 -6.16 12.54
N GLN C 110 24.93 -7.34 12.00
CA GLN C 110 25.94 -7.99 11.20
C GLN C 110 26.32 -7.18 10.02
N LYS C 111 25.33 -6.56 9.41
CA LYS C 111 25.59 -5.68 8.30
C LYS C 111 26.38 -4.49 8.75
N LEU C 112 25.95 -3.93 9.86
CA LEU C 112 26.60 -2.77 10.42
C LEU C 112 28.06 -2.97 10.70
N GLN C 113 28.38 -4.10 11.30
CA GLN C 113 29.73 -4.38 11.61
C GLN C 113 30.50 -4.83 10.41
N LYS C 114 29.81 -5.38 9.43
CA LYS C 114 30.45 -5.62 8.16
C LYS C 114 30.76 -4.36 7.38
N TYR C 115 29.91 -3.37 7.43
CA TYR C 115 30.02 -2.25 6.50
C TYR C 115 30.58 -0.99 7.14
N GLN C 116 30.48 -0.92 8.45
CA GLN C 116 31.11 0.11 9.26
C GLN C 116 30.92 1.57 8.82
N PRO C 117 29.67 2.04 8.67
CA PRO C 117 29.37 3.39 8.30
C PRO C 117 29.66 4.25 9.50
N ARG C 118 29.91 5.56 9.35
CA ARG C 118 30.15 6.39 10.50
C ARG C 118 29.03 6.37 11.48
N ILE C 119 27.84 6.64 10.98
CA ILE C 119 26.68 6.84 11.80
C ILE C 119 25.58 5.97 11.30
N ALA C 120 24.92 5.29 12.18
CA ALA C 120 23.77 4.52 11.86
C ALA C 120 22.53 5.21 12.36
N VAL C 121 21.66 5.64 11.47
CA VAL C 121 20.55 6.45 11.86
C VAL C 121 19.34 5.62 11.89
N PHE C 122 18.63 5.61 12.98
CA PHE C 122 17.46 4.81 13.06
C PHE C 122 16.31 5.68 12.76
N ASN C 123 15.54 5.28 11.79
CA ASN C 123 14.34 5.97 11.41
C ASN C 123 13.17 5.42 12.16
N GLY C 124 12.75 6.13 13.13
CA GLY C 124 11.68 5.72 13.93
C GLY C 124 12.19 5.29 15.19
N LYS C 125 11.40 5.61 16.17
CA LYS C 125 11.82 5.48 17.49
C LYS C 125 11.69 4.05 17.96
N CYS C 126 10.73 3.36 17.43
CA CYS C 126 10.40 2.07 17.94
C CYS C 126 11.52 1.09 17.76
N ILE C 127 12.24 1.22 16.68
CA ILE C 127 13.28 0.28 16.41
C ILE C 127 14.49 0.37 17.37
N TYR C 128 14.91 1.56 17.77
CA TYR C 128 16.04 1.66 18.66
C TYR C 128 15.67 1.23 20.06
N GLU C 129 14.43 1.33 20.40
CA GLU C 129 14.06 0.88 21.67
C GLU C 129 14.35 -0.59 21.81
N ILE C 130 13.97 -1.35 20.81
CA ILE C 130 14.22 -2.76 20.82
C ILE C 130 15.69 -3.07 20.66
N PHE C 131 16.36 -2.39 19.78
CA PHE C 131 17.78 -2.58 19.63
C PHE C 131 18.54 -2.39 20.94
N SER C 132 18.22 -1.36 21.72
CA SER C 132 18.90 -1.20 22.99
C SER C 132 18.65 -2.36 23.90
N LYS C 133 17.39 -2.76 24.04
CA LYS C 133 17.06 -4.06 24.64
C LYS C 133 17.93 -5.13 24.06
N GLU C 134 17.66 -5.59 22.87
CA GLU C 134 18.31 -6.78 22.39
C GLU C 134 19.86 -6.64 22.23
N VAL C 135 20.36 -5.67 21.49
CA VAL C 135 21.79 -5.55 21.37
C VAL C 135 22.53 -5.20 22.65
N PHE C 136 22.11 -4.10 23.25
CA PHE C 136 22.83 -3.54 24.37
C PHE C 136 22.44 -4.15 25.68
N GLY C 137 21.25 -4.66 25.73
CA GLY C 137 20.61 -4.99 26.96
C GLY C 137 20.26 -3.81 27.78
N VAL C 138 19.94 -2.66 27.19
CA VAL C 138 19.57 -1.54 27.99
C VAL C 138 18.15 -1.13 27.67
N LYS C 139 17.40 -0.98 28.71
CA LYS C 139 16.01 -0.71 28.64
C LYS C 139 15.72 0.66 28.13
N VAL C 140 16.56 1.63 28.50
CA VAL C 140 16.44 2.99 28.03
C VAL C 140 15.36 4.04 28.31
N LYS C 141 15.24 4.44 29.57
CA LYS C 141 14.13 5.22 30.03
C LYS C 141 14.05 6.55 29.30
N ASN C 142 12.87 6.86 28.83
CA ASN C 142 12.55 8.14 28.27
C ASN C 142 13.43 8.54 27.14
N LEU C 143 13.36 7.78 26.06
CA LEU C 143 14.33 7.87 25.03
C LEU C 143 14.23 9.17 24.26
N GLU C 144 15.28 9.89 24.27
CA GLU C 144 15.39 11.15 23.60
C GLU C 144 15.92 10.93 22.22
N PHE C 145 15.55 11.74 21.26
CA PHE C 145 16.05 11.60 19.93
C PHE C 145 17.51 11.98 19.90
N GLY C 146 18.17 11.67 18.81
CA GLY C 146 19.52 12.07 18.58
C GLY C 146 20.53 11.10 19.02
N LEU C 147 21.74 11.58 19.28
CA LEU C 147 22.88 10.75 19.62
C LEU C 147 22.71 9.90 20.85
N GLN C 148 22.92 8.61 20.69
CA GLN C 148 22.76 7.65 21.75
C GLN C 148 24.07 7.14 22.24
N PRO C 149 24.33 6.97 23.51
CA PRO C 149 25.63 6.83 24.06
C PRO C 149 26.46 5.65 23.58
N HIS C 150 25.82 4.54 23.22
CA HIS C 150 26.49 3.28 22.94
C HIS C 150 26.86 3.14 21.49
N LYS C 151 28.07 2.69 21.25
CA LYS C 151 28.57 2.50 19.94
C LYS C 151 28.10 1.15 19.44
N ILE C 152 27.97 0.96 18.14
CA ILE C 152 27.58 -0.33 17.58
C ILE C 152 28.62 -1.37 17.86
N PRO C 153 28.35 -2.52 18.44
CA PRO C 153 29.36 -3.39 18.98
C PRO C 153 30.46 -3.70 17.99
N ASP C 154 31.70 -3.69 18.44
CA ASP C 154 32.84 -4.00 17.63
C ASP C 154 32.95 -3.14 16.36
N THR C 155 32.45 -1.89 16.45
CA THR C 155 32.66 -0.90 15.39
C THR C 155 32.82 0.46 16.00
N GLU C 156 33.08 1.45 15.18
CA GLU C 156 33.06 2.81 15.65
C GLU C 156 31.84 3.57 15.16
N THR C 157 30.86 2.83 14.65
CA THR C 157 29.58 3.39 14.23
C THR C 157 28.75 3.91 15.41
N LEU C 158 28.31 5.15 15.32
CA LEU C 158 27.41 5.76 16.29
C LEU C 158 25.97 5.64 15.91
N CYS C 159 25.13 5.38 16.89
CA CYS C 159 23.70 5.30 16.71
C CYS C 159 23.01 6.63 16.97
N TYR C 160 22.07 7.01 16.11
CA TYR C 160 21.35 8.25 16.25
C TYR C 160 19.91 7.95 15.99
N VAL C 161 18.96 8.56 16.71
CA VAL C 161 17.56 8.26 16.53
C VAL C 161 16.76 9.42 15.99
N MET C 162 15.83 9.11 15.10
CA MET C 162 14.98 10.09 14.49
C MET C 162 13.56 9.71 14.57
N PRO C 163 12.64 10.60 14.48
CA PRO C 163 11.27 10.27 14.32
C PRO C 163 11.09 9.67 12.93
N SER C 164 10.24 8.67 12.84
CA SER C 164 9.98 8.01 11.60
C SER C 164 9.50 8.97 10.65
N SER C 165 10.00 8.93 9.46
CA SER C 165 9.61 9.93 8.50
C SER C 165 8.34 9.55 7.75
N SER C 166 7.31 9.19 8.48
CA SER C 166 6.08 8.77 7.91
C SER C 166 5.00 9.67 8.39
N ALA C 167 4.07 9.97 7.47
CA ALA C 167 3.03 10.93 7.73
C ALA C 167 2.11 10.49 8.84
N ARG C 168 2.20 9.23 9.17
CA ARG C 168 1.37 8.65 10.18
C ARG C 168 1.65 9.24 11.52
N CYS C 169 2.85 9.76 11.65
CA CYS C 169 3.38 10.18 12.91
C CYS C 169 2.90 11.55 13.32
N ALA C 170 1.70 11.62 13.84
CA ALA C 170 1.00 12.86 14.07
C ALA C 170 1.68 13.82 15.03
N GLN C 171 2.60 13.33 15.84
CA GLN C 171 3.32 14.22 16.74
C GLN C 171 4.37 15.09 16.06
N PHE C 172 4.73 14.75 14.82
CA PHE C 172 5.42 15.67 13.97
C PHE C 172 4.64 15.74 12.68
N PRO C 173 3.95 16.83 12.45
CA PRO C 173 3.10 16.83 11.30
C PRO C 173 3.81 16.91 9.98
N ARG C 174 4.79 17.75 9.85
CA ARG C 174 5.22 18.11 8.54
C ARG C 174 6.65 17.78 8.41
N ALA C 175 7.17 17.69 7.22
CA ALA C 175 8.56 17.46 7.13
C ALA C 175 9.41 18.50 7.83
N GLN C 176 8.95 19.73 7.93
CA GLN C 176 9.74 20.74 8.59
C GLN C 176 9.97 20.40 10.04
N ASP C 177 9.01 19.75 10.61
CA ASP C 177 9.05 19.42 12.01
C ASP C 177 10.19 18.48 12.33
N LYS C 178 10.66 17.78 11.31
CA LYS C 178 11.58 16.68 11.42
C LYS C 178 12.94 17.10 11.00
N VAL C 179 12.97 18.15 10.24
CA VAL C 179 14.16 18.64 9.66
C VAL C 179 15.30 18.90 10.64
N HIS C 180 14.99 19.31 11.87
CA HIS C 180 16.01 19.57 12.86
C HIS C 180 16.94 18.41 13.02
N TYR C 181 16.40 17.25 13.08
CA TYR C 181 17.13 16.04 13.24
C TYR C 181 17.98 15.75 12.05
N TYR C 182 17.51 16.07 10.89
CA TYR C 182 18.36 15.90 9.73
C TYR C 182 19.55 16.84 9.75
N ILE C 183 19.36 18.07 10.17
CA ILE C 183 20.45 19.00 10.29
C ILE C 183 21.47 18.59 11.32
N LYS C 184 20.99 18.20 12.45
CA LYS C 184 21.82 17.79 13.52
C LYS C 184 22.70 16.64 13.11
N LEU C 185 22.13 15.74 12.37
CA LEU C 185 22.84 14.60 11.86
C LEU C 185 23.93 15.00 10.92
N LYS C 186 23.65 15.90 10.04
CA LYS C 186 24.63 16.41 9.11
C LYS C 186 25.74 17.10 9.84
N ASP C 187 25.41 17.78 10.91
CA ASP C 187 26.39 18.39 11.77
C ASP C 187 27.28 17.35 12.39
N LEU C 188 26.69 16.30 12.90
CA LEU C 188 27.45 15.23 13.50
C LEU C 188 28.39 14.59 12.55
N ARG C 189 27.94 14.38 11.32
CA ARG C 189 28.83 13.90 10.30
C ARG C 189 30.00 14.80 10.12
N ASP C 190 29.74 16.07 9.97
CA ASP C 190 30.78 17.00 9.77
C ASP C 190 31.84 16.95 10.86
N GLN C 191 31.41 16.88 12.09
CA GLN C 191 32.35 16.76 13.18
C GLN C 191 33.18 15.52 13.12
N LEU C 192 32.54 14.43 12.82
CA LEU C 192 33.22 13.16 12.75
C LEU C 192 34.30 13.18 11.69
N LYS C 193 34.01 13.84 10.60
CA LYS C 193 35.02 14.05 9.59
C LYS C 193 36.24 14.82 10.12
N GLY C 194 36.00 15.84 10.89
CA GLY C 194 37.13 16.56 11.46
C GLY C 194 38.16 15.82 12.37
N ILE C 195 37.76 14.78 13.09
CA ILE C 195 38.68 14.08 13.98
C ILE C 195 39.41 12.96 13.24
N GLU C 196 39.09 12.81 11.95
CA GLU C 196 39.71 11.78 11.13
C GLU C 196 41.07 12.25 10.60
N THR D 16 -0.42 -10.76 -8.93
CA THR D 16 -1.64 -10.10 -9.35
C THR D 16 -2.74 -10.81 -8.56
N LEU D 17 -3.99 -10.28 -8.55
CA LEU D 17 -4.95 -10.84 -7.56
C LEU D 17 -6.03 -11.64 -8.25
N PRO D 18 -6.18 -12.93 -8.08
CA PRO D 18 -7.09 -13.66 -8.89
C PRO D 18 -8.52 -13.26 -8.67
N ASP D 19 -9.32 -13.45 -9.71
CA ASP D 19 -10.72 -13.19 -9.70
C ASP D 19 -11.37 -14.28 -8.95
N ILE D 20 -12.60 -14.07 -8.58
CA ILE D 20 -13.41 -15.15 -8.15
C ILE D 20 -14.62 -15.17 -8.99
N LEU D 21 -14.62 -16.01 -10.00
CA LEU D 21 -15.74 -16.15 -10.87
C LEU D 21 -16.18 -17.60 -10.90
N THR D 22 -17.48 -17.85 -10.79
CA THR D 22 -18.10 -19.15 -11.02
C THR D 22 -19.16 -19.02 -12.06
N PHE D 23 -19.43 -20.05 -12.81
CA PHE D 23 -20.65 -20.08 -13.58
C PHE D 23 -21.90 -19.90 -12.68
N ASN D 24 -23.03 -19.58 -13.28
CA ASN D 24 -24.31 -19.51 -12.58
C ASN D 24 -24.32 -18.49 -11.44
N LEU D 25 -23.81 -17.34 -11.73
CA LEU D 25 -23.70 -16.26 -10.78
C LEU D 25 -24.82 -15.25 -10.87
N ASP D 26 -25.42 -14.95 -9.73
CA ASP D 26 -26.32 -13.82 -9.64
C ASP D 26 -25.58 -12.49 -9.89
N ILE D 27 -24.50 -12.22 -9.16
CA ILE D 27 -23.87 -10.89 -9.22
C ILE D 27 -22.35 -10.95 -9.33
N VAL D 28 -21.74 -10.27 -10.29
CA VAL D 28 -20.28 -10.11 -10.32
C VAL D 28 -19.89 -8.67 -10.06
N ILE D 29 -19.04 -8.41 -9.05
CA ILE D 29 -18.63 -7.06 -8.70
C ILE D 29 -17.40 -6.65 -9.46
N ILE D 30 -17.42 -5.55 -10.19
CA ILE D 30 -16.29 -5.17 -11.01
C ILE D 30 -15.64 -3.93 -10.48
N GLY D 31 -14.37 -4.00 -10.16
CA GLY D 31 -13.64 -2.89 -9.63
C GLY D 31 -12.71 -2.34 -10.56
N ILE D 32 -12.07 -1.24 -10.30
CA ILE D 32 -11.08 -0.72 -11.21
C ILE D 32 -9.94 -1.67 -11.44
N ALA D 33 -9.26 -2.01 -10.37
CA ALA D 33 -8.04 -2.75 -10.45
C ALA D 33 -7.55 -2.93 -9.06
N PRO D 34 -6.88 -3.98 -8.69
CA PRO D 34 -6.73 -4.30 -7.31
C PRO D 34 -5.67 -3.45 -6.70
N GLY D 35 -5.96 -2.88 -5.56
CA GLY D 35 -5.05 -2.04 -4.85
C GLY D 35 -3.97 -2.78 -4.22
N LEU D 36 -2.98 -2.09 -3.68
CA LEU D 36 -1.83 -2.71 -3.12
C LEU D 36 -2.15 -3.57 -1.90
N MET D 37 -2.97 -3.06 -1.05
CA MET D 37 -3.36 -3.79 0.11
C MET D 37 -4.09 -5.03 -0.29
N ALA D 38 -4.92 -4.90 -1.30
CA ALA D 38 -5.73 -6.00 -1.77
C ALA D 38 -4.87 -7.14 -2.24
N ALA D 39 -3.83 -6.80 -2.96
CA ALA D 39 -2.86 -7.80 -3.32
C ALA D 39 -2.17 -8.39 -2.12
N TYR D 40 -1.58 -7.56 -1.29
CA TYR D 40 -0.87 -8.06 -0.14
C TYR D 40 -1.69 -8.99 0.76
N LYS D 41 -2.91 -8.62 1.05
CA LYS D 41 -3.72 -9.47 1.86
C LYS D 41 -4.25 -10.63 1.07
N GLY D 42 -4.31 -10.47 -0.24
CA GLY D 42 -4.89 -11.45 -1.11
C GLY D 42 -6.33 -11.70 -0.89
N HIS D 43 -7.09 -10.64 -0.70
CA HIS D 43 -8.52 -10.75 -0.65
C HIS D 43 -9.10 -9.52 -1.30
N HIS D 44 -10.42 -9.47 -1.41
CA HIS D 44 -11.06 -8.47 -2.22
C HIS D 44 -11.71 -7.46 -1.33
N TYR D 45 -11.26 -6.23 -1.49
CA TYR D 45 -11.75 -5.18 -0.67
C TYR D 45 -11.39 -5.38 0.76
N PRO D 46 -10.16 -5.45 1.17
CA PRO D 46 -9.83 -5.64 2.56
C PRO D 46 -10.28 -4.44 3.37
N GLY D 47 -10.07 -3.28 2.80
CA GLY D 47 -10.28 -2.09 3.53
C GLY D 47 -9.32 -1.95 4.69
N PRO D 48 -9.75 -1.69 5.94
CA PRO D 48 -11.13 -1.75 6.44
C PRO D 48 -11.91 -0.45 6.10
N GLY D 49 -11.45 0.35 5.12
CA GLY D 49 -12.16 1.53 4.70
C GLY D 49 -12.72 1.50 3.30
N ASN D 50 -12.70 0.36 2.58
CA ASN D 50 -13.79 0.05 1.68
C ASN D 50 -14.97 -0.31 2.54
N HIS D 51 -16.14 -0.13 2.03
CA HIS D 51 -17.31 -0.13 2.85
C HIS D 51 -18.04 -1.37 2.52
N PHE D 52 -17.68 -1.98 1.40
CA PHE D 52 -18.19 -3.11 0.65
C PHE D 52 -18.73 -4.29 1.43
N TRP D 53 -18.26 -4.49 2.55
CA TRP D 53 -18.72 -5.61 3.33
C TRP D 53 -19.84 -5.25 4.25
N LYS D 54 -19.73 -4.11 4.91
CA LYS D 54 -20.85 -3.56 5.63
C LYS D 54 -22.08 -3.41 4.76
N CYS D 55 -21.90 -2.72 3.64
CA CYS D 55 -22.97 -2.44 2.70
C CYS D 55 -23.65 -3.72 2.25
N LEU D 56 -22.87 -4.71 1.99
CA LEU D 56 -23.36 -6.02 1.71
C LEU D 56 -24.34 -6.51 2.78
N PHE D 57 -23.98 -6.37 4.02
CA PHE D 57 -24.76 -6.93 5.12
C PHE D 57 -25.99 -6.15 5.38
N MET D 58 -25.87 -4.84 5.29
CA MET D 58 -26.96 -3.98 5.61
C MET D 58 -28.06 -4.15 4.60
N SER D 59 -27.66 -4.45 3.39
CA SER D 59 -28.58 -4.72 2.33
C SER D 59 -29.29 -6.04 2.43
N GLY D 60 -28.72 -6.98 3.17
CA GLY D 60 -29.23 -8.34 3.21
C GLY D 60 -28.83 -9.20 2.07
N LEU D 61 -27.78 -8.80 1.40
CA LEU D 61 -27.16 -9.69 0.48
C LEU D 61 -26.29 -10.68 1.24
N SER D 62 -25.93 -10.31 2.47
CA SER D 62 -25.31 -11.19 3.44
C SER D 62 -26.12 -11.22 4.73
N GLU D 63 -26.24 -12.37 5.36
CA GLU D 63 -26.99 -12.45 6.60
C GLU D 63 -26.17 -12.03 7.82
N VAL D 64 -24.85 -12.11 7.69
CA VAL D 64 -23.93 -11.83 8.78
C VAL D 64 -22.78 -10.98 8.30
N GLN D 65 -22.38 -10.01 9.09
CA GLN D 65 -21.28 -9.12 8.77
C GLN D 65 -20.14 -10.06 8.36
N LEU D 66 -19.78 -10.07 7.09
CA LEU D 66 -18.61 -10.71 6.61
C LEU D 66 -17.44 -9.79 6.62
N ASN D 67 -16.27 -10.36 6.41
CA ASN D 67 -15.06 -9.62 6.21
C ASN D 67 -14.36 -10.19 5.02
N HIS D 68 -13.23 -9.64 4.65
CA HIS D 68 -12.61 -9.98 3.39
C HIS D 68 -12.20 -11.40 3.31
N MET D 69 -11.97 -11.99 4.43
CA MET D 69 -11.52 -13.34 4.48
C MET D 69 -12.56 -14.35 4.00
N ASP D 70 -13.72 -13.86 3.67
CA ASP D 70 -14.82 -14.68 3.30
C ASP D 70 -15.06 -14.64 1.80
N ASP D 71 -14.25 -13.91 1.06
CA ASP D 71 -14.51 -13.73 -0.35
C ASP D 71 -14.69 -14.99 -1.14
N HIS D 72 -13.99 -16.04 -0.77
CA HIS D 72 -14.08 -17.30 -1.50
C HIS D 72 -15.41 -18.01 -1.34
N THR D 73 -16.10 -17.74 -0.25
CA THR D 73 -17.33 -18.39 0.01
C THR D 73 -18.43 -17.85 -0.84
N LEU D 74 -18.25 -16.63 -1.30
CA LEU D 74 -19.34 -15.86 -1.80
C LEU D 74 -20.03 -16.44 -3.00
N PRO D 75 -19.49 -16.87 -4.09
CA PRO D 75 -20.28 -17.46 -5.15
C PRO D 75 -21.07 -18.67 -4.71
N GLY D 76 -20.59 -19.31 -3.69
CA GLY D 76 -21.23 -20.42 -3.14
C GLY D 76 -22.34 -20.00 -2.31
N LYS D 77 -22.01 -19.55 -1.12
CA LYS D 77 -23.00 -19.32 -0.13
C LYS D 77 -23.94 -18.20 -0.53
N TYR D 78 -23.37 -17.18 -1.18
CA TYR D 78 -24.09 -15.95 -1.33
C TYR D 78 -24.34 -15.54 -2.76
N GLY D 79 -23.88 -16.29 -3.70
CA GLY D 79 -24.11 -15.97 -5.09
C GLY D 79 -23.43 -14.79 -5.69
N ILE D 80 -22.23 -14.36 -5.29
CA ILE D 80 -21.61 -13.15 -5.86
C ILE D 80 -20.15 -13.46 -6.22
N GLY D 81 -19.55 -12.77 -7.19
CA GLY D 81 -18.20 -13.04 -7.55
C GLY D 81 -17.48 -11.81 -7.85
N PHE D 82 -16.22 -11.80 -8.27
CA PHE D 82 -15.48 -10.58 -8.31
C PHE D 82 -14.44 -10.57 -9.38
N THR D 83 -14.24 -9.40 -9.94
CA THR D 83 -13.28 -9.19 -10.94
C THR D 83 -13.00 -7.71 -10.98
N ASN D 84 -11.94 -7.32 -11.67
CA ASN D 84 -11.57 -5.95 -11.89
C ASN D 84 -11.50 -5.71 -13.38
N MET D 85 -11.71 -4.50 -13.84
CA MET D 85 -11.49 -4.18 -15.23
C MET D 85 -10.10 -4.45 -15.73
N VAL D 86 -9.14 -3.84 -15.04
CA VAL D 86 -7.72 -4.15 -15.18
C VAL D 86 -7.25 -5.11 -14.10
N GLU D 87 -6.46 -6.10 -14.47
CA GLU D 87 -6.05 -7.19 -13.58
C GLU D 87 -4.85 -6.91 -12.64
N ARG D 88 -3.86 -6.24 -13.21
CA ARG D 88 -2.61 -6.03 -12.54
C ARG D 88 -2.76 -5.09 -11.39
N THR D 89 -1.98 -5.25 -10.32
CA THR D 89 -2.21 -4.46 -9.14
C THR D 89 -1.67 -3.09 -9.28
N THR D 90 -2.40 -2.09 -8.81
CA THR D 90 -1.95 -0.73 -8.96
C THR D 90 -2.08 0.02 -7.66
N PRO D 91 -1.24 1.02 -7.39
CA PRO D 91 -1.42 1.87 -6.27
C PRO D 91 -2.68 2.67 -6.44
N GLY D 92 -2.82 3.35 -7.55
CA GLY D 92 -4.09 3.87 -7.82
C GLY D 92 -4.30 3.98 -9.25
N SER D 93 -5.06 4.96 -9.62
CA SER D 93 -5.62 5.03 -10.93
C SER D 93 -4.75 5.82 -11.87
N LYS D 94 -3.86 6.59 -11.29
CA LYS D 94 -2.88 7.33 -12.04
C LYS D 94 -2.07 6.42 -12.93
N ASP D 95 -1.69 5.31 -12.38
CA ASP D 95 -0.71 4.51 -13.01
C ASP D 95 -1.28 3.74 -14.16
N LEU D 96 -2.60 3.81 -14.34
CA LEU D 96 -3.22 3.10 -15.44
C LEU D 96 -3.20 3.95 -16.70
N SER D 97 -3.13 3.28 -17.85
CA SER D 97 -2.97 3.95 -19.10
C SER D 97 -4.12 3.61 -19.96
N SER D 98 -4.42 4.49 -20.90
CA SER D 98 -5.65 4.44 -21.60
C SER D 98 -5.75 3.15 -22.36
N LYS D 99 -4.64 2.77 -22.92
CA LYS D 99 -4.53 1.56 -23.69
C LYS D 99 -4.74 0.29 -22.88
N GLU D 100 -4.61 0.44 -21.59
CA GLU D 100 -4.56 -0.68 -20.68
C GLU D 100 -5.93 -0.95 -20.13
N PHE D 101 -6.69 0.12 -20.02
CA PHE D 101 -8.10 0.01 -19.82
C PHE D 101 -8.74 -0.57 -21.04
N ARG D 102 -8.40 -0.07 -22.23
CA ARG D 102 -8.89 -0.67 -23.46
C ARG D 102 -8.52 -2.13 -23.63
N GLU D 103 -7.33 -2.51 -23.25
CA GLU D 103 -6.95 -3.90 -23.37
C GLU D 103 -7.73 -4.69 -22.35
N GLY D 104 -7.79 -4.13 -21.17
CA GLY D 104 -8.37 -4.71 -20.01
C GLY D 104 -9.82 -4.88 -20.15
N GLY D 105 -10.46 -3.86 -20.63
CA GLY D 105 -11.86 -3.91 -20.77
C GLY D 105 -12.26 -4.86 -21.81
N ARG D 106 -11.34 -5.10 -22.72
CA ARG D 106 -11.53 -6.13 -23.69
C ARG D 106 -11.58 -7.46 -23.01
N ILE D 107 -10.68 -7.71 -22.08
CA ILE D 107 -10.65 -9.00 -21.42
C ILE D 107 -11.87 -9.19 -20.56
N LEU D 108 -12.33 -8.12 -19.95
CA LEU D 108 -13.47 -8.20 -19.06
C LEU D 108 -14.72 -8.74 -19.71
N VAL D 109 -15.01 -8.33 -20.93
CA VAL D 109 -16.14 -8.90 -21.63
C VAL D 109 -16.04 -10.40 -21.77
N GLN D 110 -14.84 -10.87 -22.10
CA GLN D 110 -14.65 -12.26 -22.37
C GLN D 110 -14.91 -13.10 -21.14
N LYS D 111 -14.54 -12.60 -19.99
CA LYS D 111 -14.84 -13.34 -18.79
C LYS D 111 -16.32 -13.40 -18.58
N LEU D 112 -16.97 -12.29 -18.84
CA LEU D 112 -18.39 -12.19 -18.64
C LEU D 112 -19.16 -13.00 -19.65
N GLN D 113 -18.69 -12.99 -20.88
CA GLN D 113 -19.22 -13.84 -21.90
C GLN D 113 -19.15 -15.28 -21.47
N LYS D 114 -18.00 -15.68 -20.97
CA LYS D 114 -17.83 -17.01 -20.47
C LYS D 114 -18.69 -17.35 -19.29
N TYR D 115 -18.58 -16.56 -18.25
CA TYR D 115 -19.17 -16.91 -16.97
C TYR D 115 -20.64 -16.66 -16.88
N GLN D 116 -21.06 -15.62 -17.58
CA GLN D 116 -22.41 -15.20 -17.67
C GLN D 116 -23.19 -15.06 -16.41
N PRO D 117 -23.00 -13.99 -15.64
CA PRO D 117 -23.68 -13.85 -14.40
C PRO D 117 -24.91 -13.09 -14.80
N ARG D 118 -25.90 -12.96 -13.93
CA ARG D 118 -27.07 -12.17 -14.22
C ARG D 118 -26.73 -10.73 -14.39
N ILE D 119 -26.24 -10.11 -13.33
CA ILE D 119 -25.93 -8.70 -13.31
C ILE D 119 -24.45 -8.48 -13.09
N ALA D 120 -23.85 -7.72 -13.96
CA ALA D 120 -22.52 -7.21 -13.80
C ALA D 120 -22.53 -5.83 -13.16
N VAL D 121 -21.93 -5.72 -11.98
CA VAL D 121 -22.04 -4.50 -11.19
C VAL D 121 -20.76 -3.71 -11.22
N PHE D 122 -20.76 -2.47 -11.69
CA PHE D 122 -19.56 -1.70 -11.73
C PHE D 122 -19.44 -0.86 -10.51
N ASN D 123 -18.31 -0.99 -9.85
CA ASN D 123 -17.98 -0.18 -8.72
C ASN D 123 -17.36 1.11 -9.19
N GLY D 124 -18.10 2.17 -9.10
CA GLY D 124 -17.66 3.50 -9.38
C GLY D 124 -18.51 4.01 -10.45
N LYS D 125 -18.48 5.29 -10.79
CA LYS D 125 -18.99 5.76 -12.06
C LYS D 125 -17.91 5.77 -13.07
N CYS D 126 -16.73 6.10 -12.58
CA CYS D 126 -15.50 6.22 -13.35
C CYS D 126 -15.39 5.14 -14.38
N ILE D 127 -15.24 3.95 -13.88
CA ILE D 127 -14.97 2.80 -14.67
C ILE D 127 -16.02 2.48 -15.72
N TYR D 128 -17.31 2.46 -15.38
CA TYR D 128 -18.34 2.26 -16.39
C TYR D 128 -18.28 3.28 -17.50
N GLU D 129 -17.92 4.51 -17.21
CA GLU D 129 -17.78 5.46 -18.28
C GLU D 129 -16.77 5.00 -19.29
N ILE D 130 -15.67 4.48 -18.81
CA ILE D 130 -14.64 3.92 -19.66
C ILE D 130 -15.19 2.80 -20.49
N PHE D 131 -15.89 1.90 -19.82
CA PHE D 131 -16.33 0.70 -20.43
C PHE D 131 -17.35 1.01 -21.47
N SER D 132 -18.14 2.01 -21.22
CA SER D 132 -19.14 2.39 -22.16
C SER D 132 -18.53 2.84 -23.43
N LYS D 133 -17.78 3.92 -23.41
CA LYS D 133 -17.32 4.51 -24.63
C LYS D 133 -16.38 3.61 -25.43
N GLU D 134 -15.61 2.72 -24.75
CA GLU D 134 -14.87 1.68 -25.48
C GLU D 134 -15.73 0.51 -25.95
N VAL D 135 -16.47 -0.10 -25.04
CA VAL D 135 -17.18 -1.30 -25.39
C VAL D 135 -18.39 -1.05 -26.24
N PHE D 136 -19.18 -0.06 -25.87
CA PHE D 136 -20.46 0.21 -26.51
C PHE D 136 -20.29 1.19 -27.66
N GLY D 137 -19.78 2.35 -27.35
CA GLY D 137 -19.54 3.37 -28.31
C GLY D 137 -20.38 4.55 -28.09
N VAL D 138 -21.39 4.42 -27.27
CA VAL D 138 -21.98 5.60 -26.68
C VAL D 138 -21.06 6.12 -25.59
N LYS D 139 -20.99 7.44 -25.45
CA LYS D 139 -20.45 8.00 -24.25
C LYS D 139 -21.64 8.63 -23.63
N VAL D 140 -21.71 8.57 -22.35
CA VAL D 140 -22.95 8.86 -21.71
C VAL D 140 -22.90 10.23 -21.18
N LYS D 141 -23.95 10.99 -21.40
CA LYS D 141 -24.00 12.28 -20.80
C LYS D 141 -24.90 12.14 -19.63
N ASN D 142 -24.41 12.64 -18.52
CA ASN D 142 -25.01 12.44 -17.26
C ASN D 142 -25.20 11.02 -16.98
N LEU D 143 -24.17 10.36 -16.50
CA LEU D 143 -24.34 9.04 -16.00
C LEU D 143 -25.08 9.08 -14.70
N GLU D 144 -26.00 8.19 -14.50
CA GLU D 144 -26.68 8.07 -13.24
C GLU D 144 -26.57 6.62 -12.77
N PHE D 145 -26.44 6.39 -11.48
CA PHE D 145 -26.35 5.05 -10.90
C PHE D 145 -27.55 4.22 -11.18
N GLY D 146 -27.40 2.92 -11.20
CA GLY D 146 -28.49 2.04 -11.38
C GLY D 146 -28.34 1.32 -12.62
N LEU D 147 -29.41 0.79 -13.18
CA LEU D 147 -29.37 -0.10 -14.30
C LEU D 147 -29.26 0.65 -15.58
N GLN D 148 -28.30 0.26 -16.37
CA GLN D 148 -28.01 0.87 -17.64
C GLN D 148 -28.63 0.09 -18.78
N PRO D 149 -29.21 0.69 -19.78
CA PRO D 149 -30.13 0.07 -20.70
C PRO D 149 -29.58 -1.13 -21.43
N HIS D 150 -28.28 -1.18 -21.50
CA HIS D 150 -27.55 -2.07 -22.34
C HIS D 150 -27.17 -3.31 -21.63
N LYS D 151 -27.05 -4.40 -22.37
CA LYS D 151 -26.69 -5.67 -21.83
C LYS D 151 -25.29 -6.01 -22.39
N ILE D 152 -24.61 -6.94 -21.72
CA ILE D 152 -23.25 -7.30 -22.08
C ILE D 152 -23.21 -8.09 -23.36
N PRO D 153 -22.39 -7.80 -24.33
CA PRO D 153 -22.50 -8.32 -25.65
C PRO D 153 -22.57 -9.81 -25.73
N ASP D 154 -23.60 -10.27 -26.39
CA ASP D 154 -23.82 -11.67 -26.67
C ASP D 154 -24.18 -12.45 -25.45
N THR D 155 -24.52 -11.70 -24.41
CA THR D 155 -25.05 -12.26 -23.20
C THR D 155 -26.33 -11.57 -22.86
N GLU D 156 -27.01 -12.12 -21.89
CA GLU D 156 -28.18 -11.52 -21.30
C GLU D 156 -27.84 -10.69 -20.07
N THR D 157 -26.56 -10.71 -19.69
CA THR D 157 -26.04 -10.05 -18.49
C THR D 157 -26.23 -8.54 -18.53
N LEU D 158 -26.78 -7.96 -17.45
CA LEU D 158 -27.15 -6.55 -17.43
C LEU D 158 -26.03 -5.76 -16.79
N CYS D 159 -26.03 -4.45 -16.92
CA CYS D 159 -25.02 -3.66 -16.26
C CYS D 159 -25.63 -2.76 -15.22
N TYR D 160 -24.99 -2.59 -14.09
CA TYR D 160 -25.51 -1.78 -13.05
C TYR D 160 -24.38 -1.06 -12.42
N VAL D 161 -24.57 0.19 -12.09
CA VAL D 161 -23.54 1.05 -11.62
C VAL D 161 -23.75 1.40 -10.16
N MET D 162 -22.70 1.41 -9.40
CA MET D 162 -22.78 1.52 -8.00
C MET D 162 -21.84 2.59 -7.61
N PRO D 163 -22.08 3.37 -6.60
CA PRO D 163 -21.10 4.34 -6.15
C PRO D 163 -19.84 3.60 -5.78
N SER D 164 -18.67 4.29 -5.88
CA SER D 164 -17.46 3.56 -5.49
C SER D 164 -17.24 3.32 -4.05
N SER D 165 -17.03 1.92 -3.78
CA SER D 165 -17.30 1.40 -2.45
C SER D 165 -16.24 1.83 -1.50
N SER D 166 -15.55 2.86 -1.92
CA SER D 166 -14.34 3.30 -1.31
C SER D 166 -14.63 4.67 -0.88
N ALA D 175 -21.55 5.36 4.16
CA ALA D 175 -21.74 3.96 3.96
C ALA D 175 -23.21 3.71 3.93
N GLN D 176 -23.86 3.95 5.05
CA GLN D 176 -25.29 3.82 5.12
C GLN D 176 -26.04 4.68 4.09
N ASP D 177 -25.48 5.83 3.76
CA ASP D 177 -26.09 6.68 2.77
C ASP D 177 -26.15 6.08 1.37
N LYS D 178 -25.29 5.08 1.08
CA LYS D 178 -25.33 4.40 -0.23
C LYS D 178 -25.83 3.00 -0.17
N VAL D 179 -26.27 2.56 0.98
CA VAL D 179 -26.82 1.22 1.12
C VAL D 179 -27.96 0.98 0.16
N HIS D 180 -28.60 2.06 -0.25
CA HIS D 180 -29.78 1.97 -1.09
C HIS D 180 -29.47 1.30 -2.38
N TYR D 181 -28.34 1.61 -2.94
CA TYR D 181 -28.01 1.05 -4.21
C TYR D 181 -27.85 -0.45 -4.14
N TYR D 182 -27.30 -0.94 -3.05
CA TYR D 182 -27.24 -2.37 -2.83
C TYR D 182 -28.60 -2.96 -2.68
N ILE D 183 -29.43 -2.30 -1.93
CA ILE D 183 -30.74 -2.83 -1.68
C ILE D 183 -31.51 -2.93 -2.94
N LYS D 184 -31.41 -1.93 -3.76
CA LYS D 184 -32.03 -1.97 -5.04
C LYS D 184 -31.48 -3.11 -5.89
N LEU D 185 -30.19 -3.32 -5.84
CA LEU D 185 -29.53 -4.40 -6.56
C LEU D 185 -29.98 -5.79 -6.18
N LYS D 186 -30.22 -6.00 -4.92
CA LYS D 186 -30.77 -7.23 -4.44
C LYS D 186 -32.17 -7.42 -4.94
N ASP D 187 -32.91 -6.35 -4.97
CA ASP D 187 -34.26 -6.35 -5.48
C ASP D 187 -34.30 -6.61 -6.95
N LEU D 188 -33.38 -6.04 -7.64
CA LEU D 188 -33.27 -6.31 -9.03
C LEU D 188 -32.95 -7.75 -9.27
N ARG D 189 -31.99 -8.25 -8.51
CA ARG D 189 -31.61 -9.64 -8.58
C ARG D 189 -32.79 -10.54 -8.39
N ASP D 190 -33.59 -10.20 -7.42
CA ASP D 190 -34.77 -10.97 -7.14
C ASP D 190 -35.76 -10.96 -8.28
N GLN D 191 -35.97 -9.85 -8.94
CA GLN D 191 -36.90 -9.88 -10.04
C GLN D 191 -36.43 -10.78 -11.15
N LEU D 192 -35.15 -10.77 -11.42
CA LEU D 192 -34.62 -11.58 -12.50
C LEU D 192 -34.77 -13.07 -12.27
N LYS D 193 -34.52 -13.48 -11.07
CA LYS D 193 -34.83 -14.83 -10.66
C LYS D 193 -36.29 -15.09 -10.73
N GLY D 194 -37.01 -14.16 -10.16
CA GLY D 194 -38.40 -14.16 -9.91
C GLY D 194 -39.21 -14.46 -11.12
N ILE D 195 -38.80 -13.96 -12.28
CA ILE D 195 -39.55 -14.17 -13.49
C ILE D 195 -39.85 -15.66 -13.75
N GLU D 196 -39.00 -16.57 -13.29
CA GLU D 196 -39.30 -17.98 -13.41
C GLU D 196 -39.60 -18.49 -12.02
#